data_4HIE
#
_entry.id   4HIE
#
_cell.length_a   66.000
_cell.length_b   72.600
_cell.length_c   94.200
_cell.angle_alpha   90.00
_cell.angle_beta   90.00
_cell.angle_gamma   90.00
#
_symmetry.space_group_name_H-M   'P 21 21 21'
#
loop_
_entity.id
_entity.type
_entity.pdbx_description
1 polymer 'Fab 023.102'
2 polymer 'Antibody 023.102'
3 water water
#
loop_
_entity_poly.entity_id
_entity_poly.type
_entity_poly.pdbx_seq_one_letter_code
_entity_poly.pdbx_strand_id
1 'polypeptide(L)'
;QAGQLTQSPATLSLSPGERATLSCRASQSVTNYLAWYQQKPGQAPRLLIYGASNRATGIPARFSGSGSGTDFTLTISSLE
PEDFAVYYCQQRDNWPPDATFGQGTKVEIKRTVAAPSVFIFPPSDEQLKSGTASVVCLLNNFYPREAKVQWKVDNALQSG
NSQESVTEQDSKDSTYSLSSTLTLSKADYEKHKVYACEVTHQGLRSPVTKSFNRGECAAA
;
A
2 'polypeptide(L)'
;LINLVESGGGVVQPGRSLRLSCAASGFTFSRYGMHWVRQAPGKGLEWVAVVSSDGRTTYYADSVKGRFTISRDNSKNTLY
LQMNSLRAEDTAVFYCAKEGGDNKFSFDYWGQGTLVTVSSASTKGPSVFPLAPCSRSTSESTAALGCLVKDYFPEPVTVS
WNSGALTSGVHTFPAVLQSSGLYSLSSVVTVPSSNFGTQTYTCNVDHKPSNTKVDKTVERKCWARHHHHHH
;
B
#
# COMPACT_ATOMS: atom_id res chain seq x y z
N GLY A 3 14.48 -16.37 -12.00
CA GLY A 3 14.38 -16.83 -10.59
C GLY A 3 14.44 -15.67 -9.61
N GLN A 4 15.18 -14.63 -9.97
CA GLN A 4 15.28 -13.46 -9.11
C GLN A 4 15.69 -12.23 -9.87
N LEU A 5 14.98 -11.16 -9.58
CA LEU A 5 15.15 -9.90 -10.27
C LEU A 5 15.39 -8.80 -9.24
N THR A 6 16.52 -8.09 -9.37
CA THR A 6 16.86 -7.03 -8.43
C THR A 6 16.77 -5.65 -9.06
N GLN A 7 15.87 -4.82 -8.51
CA GLN A 7 15.69 -3.47 -9.00
C GLN A 7 16.44 -2.46 -8.16
N SER A 8 16.93 -1.42 -8.81
CA SER A 8 17.68 -0.36 -8.15
C SER A 8 17.51 0.93 -8.96
N PRO A 9 17.50 2.08 -8.28
CA PRO A 9 17.62 2.15 -6.83
C PRO A 9 16.25 1.88 -6.22
N ALA A 10 16.17 1.72 -4.90
CA ALA A 10 14.90 1.46 -4.26
C ALA A 10 13.94 2.62 -4.51
N THR A 11 14.46 3.83 -4.43
CA THR A 11 13.67 5.04 -4.67
C THR A 11 14.46 6.01 -5.52
N LEU A 12 13.78 6.63 -6.46
CA LEU A 12 14.40 7.59 -7.37
C LEU A 12 13.70 8.92 -7.11
N SER A 13 14.46 9.90 -6.61
CA SER A 13 13.93 11.23 -6.32
C SER A 13 14.32 12.16 -7.43
N LEU A 14 13.35 12.54 -8.24
CA LEU A 14 13.61 13.43 -9.38
C LEU A 14 12.50 14.47 -9.52
N SER A 15 12.79 15.55 -10.26
CA SER A 15 11.81 16.61 -10.46
C SER A 15 11.13 16.42 -11.82
N PRO A 16 9.94 17.01 -12.00
CA PRO A 16 9.25 16.87 -13.29
C PRO A 16 10.16 17.41 -14.38
N GLY A 17 10.11 16.79 -15.55
CA GLY A 17 10.95 17.24 -16.65
C GLY A 17 12.28 16.52 -16.70
N GLU A 18 12.67 15.90 -15.60
CA GLU A 18 13.95 15.19 -15.57
C GLU A 18 13.85 13.79 -16.15
N ARG A 19 15.00 13.22 -16.47
CA ARG A 19 15.07 11.89 -17.02
C ARG A 19 15.18 10.87 -15.90
N ALA A 20 14.42 9.79 -16.02
CA ALA A 20 14.44 8.73 -15.03
C ALA A 20 15.02 7.47 -15.66
N THR A 21 15.95 6.86 -14.96
CA THR A 21 16.59 5.64 -15.44
C THR A 21 16.47 4.59 -14.36
N LEU A 22 15.66 3.56 -14.61
CA LEU A 22 15.44 2.50 -13.64
C LEU A 22 16.11 1.21 -14.08
N SER A 23 16.79 0.55 -13.15
CA SER A 23 17.48 -0.67 -13.47
C SER A 23 16.92 -1.94 -12.86
N CYS A 24 17.04 -3.03 -13.62
CA CYS A 24 16.57 -4.34 -13.19
C CYS A 24 17.64 -5.35 -13.60
N ARG A 25 18.15 -6.10 -12.63
CA ARG A 25 19.19 -7.07 -12.87
C ARG A 25 18.73 -8.48 -12.51
N ALA A 26 18.81 -9.40 -13.47
CA ALA A 26 18.42 -10.79 -13.26
C ALA A 26 19.61 -11.54 -12.68
N SER A 27 19.36 -12.50 -11.78
CA SER A 27 20.46 -13.25 -11.17
C SER A 27 21.19 -14.11 -12.20
N GLN A 28 20.47 -14.54 -13.23
CA GLN A 28 21.10 -15.29 -14.33
C GLN A 28 20.47 -14.78 -15.58
N SER A 29 21.10 -15.08 -16.70
CA SER A 29 20.62 -14.62 -18.00
C SER A 29 19.17 -15.06 -18.25
N VAL A 30 18.33 -14.10 -18.63
CA VAL A 30 16.93 -14.41 -18.92
C VAL A 30 16.75 -14.81 -20.37
N THR A 31 15.99 -15.88 -20.58
CA THR A 31 15.71 -16.38 -21.93
C THR A 31 14.84 -15.42 -22.72
N ASN A 32 13.88 -14.82 -22.03
CA ASN A 32 12.96 -13.89 -22.67
C ASN A 32 13.10 -12.49 -22.10
N TYR A 33 13.34 -11.52 -22.96
CA TYR A 33 13.51 -10.14 -22.52
C TYR A 33 12.34 -9.73 -21.62
N LEU A 34 12.68 -8.98 -20.57
CA LEU A 34 11.73 -8.53 -19.55
C LEU A 34 10.64 -7.55 -19.93
N ALA A 35 9.65 -7.45 -19.04
CA ALA A 35 8.53 -6.55 -19.21
C ALA A 35 8.54 -5.60 -18.02
N TRP A 36 7.96 -4.41 -18.20
CA TRP A 36 7.91 -3.42 -17.13
C TRP A 36 6.48 -2.97 -16.86
N TYR A 37 6.17 -2.72 -15.59
CA TYR A 37 4.84 -2.29 -15.21
C TYR A 37 4.87 -1.06 -14.31
N GLN A 38 3.84 -0.24 -14.44
CA GLN A 38 3.70 0.95 -13.62
C GLN A 38 2.54 0.64 -12.69
N GLN A 39 2.64 1.04 -11.43
CA GLN A 39 1.55 0.80 -10.53
C GLN A 39 1.38 1.93 -9.55
N LYS A 40 0.16 2.43 -9.48
CA LYS A 40 -0.18 3.51 -8.58
C LYS A 40 -0.95 2.91 -7.43
N PRO A 41 -0.90 3.57 -6.26
CA PRO A 41 -1.58 3.15 -5.03
C PRO A 41 -3.03 2.74 -5.25
N GLY A 42 -3.36 1.51 -4.84
CA GLY A 42 -4.72 1.01 -4.97
C GLY A 42 -5.21 0.76 -6.38
N GLN A 43 -4.29 0.54 -7.32
CA GLN A 43 -4.68 0.26 -8.69
C GLN A 43 -3.92 -0.92 -9.24
N ALA A 44 -4.47 -1.52 -10.29
CA ALA A 44 -3.84 -2.66 -10.91
C ALA A 44 -2.60 -2.21 -11.67
N PRO A 45 -1.62 -3.12 -11.82
CA PRO A 45 -0.39 -2.79 -12.53
C PRO A 45 -0.82 -2.55 -13.96
N ARG A 46 0.06 -1.94 -14.74
CA ARG A 46 -0.29 -1.66 -16.11
C ARG A 46 0.97 -1.81 -16.96
N LEU A 47 0.88 -2.66 -17.97
CA LEU A 47 2.02 -2.94 -18.85
C LEU A 47 2.53 -1.72 -19.60
N LEU A 48 3.83 -1.49 -19.49
CA LEU A 48 4.49 -0.36 -20.15
C LEU A 48 5.35 -0.84 -21.29
N ILE A 49 6.20 -1.81 -20.98
CA ILE A 49 7.16 -2.36 -21.91
C ILE A 49 7.19 -3.89 -21.87
N TYR A 50 7.35 -4.52 -23.04
CA TYR A 50 7.47 -5.97 -23.10
C TYR A 50 8.62 -6.30 -24.03
N GLY A 51 9.18 -7.49 -23.89
CA GLY A 51 10.29 -7.87 -24.74
C GLY A 51 11.43 -6.86 -24.64
N ALA A 52 11.58 -6.29 -23.44
CA ALA A 52 12.63 -5.33 -23.15
C ALA A 52 12.52 -3.92 -23.75
N SER A 53 12.10 -3.83 -25.02
CA SER A 53 12.05 -2.53 -25.68
C SER A 53 10.75 -2.12 -26.39
N ASN A 54 9.73 -2.95 -26.34
CA ASN A 54 8.48 -2.63 -27.04
C ASN A 54 7.42 -2.02 -26.13
N ARG A 55 6.87 -0.89 -26.55
CA ARG A 55 5.85 -0.23 -25.76
C ARG A 55 4.49 -0.88 -25.94
N ALA A 56 3.76 -1.03 -24.84
CA ALA A 56 2.44 -1.61 -24.86
C ALA A 56 1.50 -0.57 -25.46
N THR A 57 0.31 -0.98 -25.89
CA THR A 57 -0.61 -0.04 -26.48
C THR A 57 -1.05 1.08 -25.54
N GLY A 58 -1.05 2.29 -26.06
CA GLY A 58 -1.44 3.45 -25.27
C GLY A 58 -0.32 4.01 -24.42
N ILE A 59 0.87 3.43 -24.51
CA ILE A 59 1.99 3.93 -23.73
C ILE A 59 2.72 5.02 -24.50
N PRO A 60 2.81 6.23 -23.93
CA PRO A 60 3.48 7.38 -24.55
C PRO A 60 4.97 7.18 -24.82
N ALA A 61 5.43 7.82 -25.88
CA ALA A 61 6.82 7.73 -26.33
C ALA A 61 7.90 8.04 -25.29
N ARG A 62 7.60 8.82 -24.26
CA ARG A 62 8.63 9.12 -23.28
C ARG A 62 9.12 7.89 -22.52
N PHE A 63 8.37 6.80 -22.64
CA PHE A 63 8.73 5.55 -21.98
C PHE A 63 9.50 4.67 -22.96
N SER A 64 10.69 4.25 -22.57
CA SER A 64 11.48 3.38 -23.43
C SER A 64 12.22 2.34 -22.59
N GLY A 65 12.60 1.25 -23.23
CA GLY A 65 13.30 0.20 -22.52
C GLY A 65 14.41 -0.41 -23.34
N SER A 66 15.40 -0.99 -22.66
CA SER A 66 16.53 -1.60 -23.32
C SER A 66 17.12 -2.68 -22.43
N GLY A 67 18.03 -3.47 -22.98
CA GLY A 67 18.66 -4.52 -22.20
C GLY A 67 18.58 -5.89 -22.83
N SER A 68 19.31 -6.82 -22.24
CA SER A 68 19.37 -8.20 -22.70
C SER A 68 20.25 -8.92 -21.68
N GLY A 69 20.22 -10.24 -21.70
CA GLY A 69 21.03 -11.00 -20.76
C GLY A 69 20.53 -10.86 -19.34
N THR A 70 21.29 -10.14 -18.50
CA THR A 70 20.90 -9.94 -17.10
C THR A 70 20.60 -8.47 -16.79
N ASP A 71 20.90 -7.59 -17.74
CA ASP A 71 20.68 -6.17 -17.49
C ASP A 71 19.64 -5.47 -18.34
N PHE A 72 18.67 -4.90 -17.66
CA PHE A 72 17.59 -4.19 -18.32
C PHE A 72 17.37 -2.84 -17.70
N THR A 73 16.94 -1.90 -18.54
CA THR A 73 16.72 -0.53 -18.12
C THR A 73 15.41 0.04 -18.64
N LEU A 74 14.71 0.77 -17.78
CA LEU A 74 13.48 1.44 -18.17
C LEU A 74 13.82 2.92 -18.08
N THR A 75 13.54 3.64 -19.15
CA THR A 75 13.85 5.06 -19.21
C THR A 75 12.62 5.92 -19.51
N ILE A 76 12.50 7.01 -18.75
CA ILE A 76 11.41 7.96 -18.93
C ILE A 76 12.17 9.24 -19.26
N SER A 77 12.24 9.57 -20.55
CA SER A 77 12.97 10.73 -21.04
C SER A 77 12.70 12.04 -20.31
N SER A 78 11.44 12.31 -20.01
CA SER A 78 11.07 13.53 -19.31
C SER A 78 9.85 13.27 -18.44
N LEU A 79 10.04 13.30 -17.14
CA LEU A 79 8.98 13.03 -16.18
C LEU A 79 7.81 14.01 -16.15
N GLU A 80 6.61 13.45 -16.20
CA GLU A 80 5.38 14.22 -16.12
C GLU A 80 4.88 13.92 -14.71
N PRO A 81 4.06 14.79 -14.13
CA PRO A 81 3.53 14.57 -12.77
C PRO A 81 2.86 13.22 -12.56
N GLU A 82 2.18 12.72 -13.59
CA GLU A 82 1.49 11.44 -13.50
C GLU A 82 2.42 10.23 -13.59
N ASP A 83 3.71 10.46 -13.80
CA ASP A 83 4.67 9.37 -13.89
C ASP A 83 5.24 8.94 -12.56
N PHE A 84 5.02 9.75 -11.53
CA PHE A 84 5.52 9.40 -10.21
C PHE A 84 4.66 8.28 -9.67
N ALA A 85 5.28 7.10 -9.62
CA ALA A 85 4.60 5.90 -9.16
C ALA A 85 5.66 4.83 -8.94
N VAL A 86 5.20 3.60 -8.72
CA VAL A 86 6.09 2.48 -8.50
C VAL A 86 6.20 1.68 -9.80
N TYR A 87 7.41 1.20 -10.09
CA TYR A 87 7.66 0.43 -11.31
C TYR A 87 8.27 -0.93 -11.01
N TYR A 88 7.75 -1.96 -11.67
CA TYR A 88 8.21 -3.33 -11.49
C TYR A 88 8.68 -3.96 -12.79
N CYS A 89 9.74 -4.76 -12.73
CA CYS A 89 10.18 -5.46 -13.91
C CYS A 89 9.66 -6.86 -13.71
N GLN A 90 9.45 -7.59 -14.79
CA GLN A 90 8.92 -8.93 -14.67
C GLN A 90 9.45 -9.86 -15.72
N GLN A 91 9.56 -11.12 -15.35
CA GLN A 91 10.08 -12.12 -16.25
C GLN A 91 9.30 -13.42 -16.17
N ARG A 92 9.38 -14.20 -17.24
CA ARG A 92 8.71 -15.47 -17.28
C ARG A 92 9.28 -16.32 -18.40
N ASP A 93 9.18 -17.62 -18.21
CA ASP A 93 9.68 -18.58 -19.18
C ASP A 93 8.59 -19.54 -19.56
N ASN A 94 8.84 -20.26 -20.63
CA ASN A 94 7.89 -21.25 -21.12
C ASN A 94 7.67 -22.30 -20.05
N TRP A 95 8.77 -22.81 -19.50
CA TRP A 95 8.71 -23.82 -18.46
C TRP A 95 9.94 -23.85 -17.57
N PRO A 96 9.75 -23.83 -16.24
CA PRO A 96 8.44 -23.78 -15.58
C PRO A 96 7.78 -22.47 -16.00
N PRO A 97 6.44 -22.36 -15.85
CA PRO A 97 5.72 -21.15 -16.24
C PRO A 97 5.55 -19.99 -15.25
N ASP A 98 6.09 -20.14 -14.05
CA ASP A 98 5.95 -19.08 -13.05
C ASP A 98 6.66 -17.78 -13.40
N ALA A 99 5.98 -16.67 -13.13
CA ALA A 99 6.55 -15.36 -13.40
C ALA A 99 7.31 -14.90 -12.16
N THR A 100 8.31 -14.06 -12.38
CA THR A 100 9.12 -13.53 -11.31
C THR A 100 9.06 -12.01 -11.41
N PHE A 101 8.94 -11.34 -10.26
CA PHE A 101 8.85 -9.89 -10.23
C PHE A 101 9.99 -9.24 -9.46
N GLY A 102 10.39 -8.06 -9.92
CA GLY A 102 11.43 -7.33 -9.22
C GLY A 102 10.69 -6.81 -7.99
N GLN A 103 11.39 -6.20 -7.04
CA GLN A 103 10.69 -5.72 -5.85
C GLN A 103 10.18 -4.30 -6.01
N GLY A 104 10.35 -3.73 -7.20
CA GLY A 104 9.88 -2.39 -7.48
C GLY A 104 10.77 -1.22 -7.15
N THR A 105 10.62 -0.15 -7.93
CA THR A 105 11.37 1.08 -7.75
C THR A 105 10.34 2.20 -7.72
N LYS A 106 10.36 2.99 -6.66
CA LYS A 106 9.41 4.10 -6.54
C LYS A 106 10.04 5.36 -7.10
N VAL A 107 9.35 6.00 -8.04
CA VAL A 107 9.84 7.24 -8.61
C VAL A 107 9.09 8.31 -7.84
N GLU A 108 9.86 9.08 -7.10
CA GLU A 108 9.32 10.11 -6.23
C GLU A 108 9.68 11.54 -6.63
N ILE A 109 8.80 12.49 -6.31
CA ILE A 109 9.03 13.88 -6.65
C ILE A 109 10.04 14.54 -5.76
N LYS A 110 11.05 15.12 -6.37
CA LYS A 110 12.07 15.77 -5.59
C LYS A 110 11.78 17.26 -5.45
N ARG A 111 11.93 17.76 -4.22
CA ARG A 111 11.68 19.16 -3.94
C ARG A 111 12.65 19.63 -2.88
N THR A 112 12.61 20.92 -2.55
CA THR A 112 13.50 21.47 -1.54
C THR A 112 13.21 20.89 -0.17
N VAL A 113 14.23 20.83 0.67
CA VAL A 113 14.07 20.30 2.02
C VAL A 113 13.06 21.10 2.82
N ALA A 114 12.22 20.41 3.56
CA ALA A 114 11.21 21.05 4.39
C ALA A 114 11.15 20.33 5.73
N ALA A 115 11.41 21.07 6.80
CA ALA A 115 11.37 20.49 8.13
C ALA A 115 9.92 20.26 8.54
N PRO A 116 9.66 19.19 9.28
CA PRO A 116 8.29 18.91 9.71
C PRO A 116 7.98 19.71 10.95
N SER A 117 6.71 20.04 11.16
CA SER A 117 6.33 20.74 12.38
C SER A 117 5.90 19.53 13.19
N VAL A 118 6.23 19.51 14.47
CA VAL A 118 5.93 18.37 15.31
C VAL A 118 4.88 18.65 16.39
N PHE A 119 4.06 17.64 16.65
CA PHE A 119 3.02 17.74 17.64
C PHE A 119 2.89 16.41 18.37
N ILE A 120 2.62 16.48 19.68
CA ILE A 120 2.44 15.26 20.45
C ILE A 120 1.08 15.36 21.13
N PHE A 121 0.34 14.26 21.08
CA PHE A 121 -0.99 14.19 21.67
C PHE A 121 -1.07 13.14 22.75
N PRO A 122 -1.48 13.54 23.96
CA PRO A 122 -1.60 12.57 25.06
C PRO A 122 -2.86 11.75 24.81
N PRO A 123 -2.99 10.59 25.46
CA PRO A 123 -4.20 9.79 25.26
C PRO A 123 -5.36 10.58 25.87
N SER A 124 -6.53 10.50 25.25
CA SER A 124 -7.70 11.22 25.75
C SER A 124 -8.21 10.56 27.01
N ASP A 125 -8.91 11.32 27.86
CA ASP A 125 -9.45 10.74 29.07
C ASP A 125 -10.52 9.76 28.64
N GLU A 126 -11.19 10.09 27.53
CA GLU A 126 -12.22 9.21 26.99
C GLU A 126 -11.61 7.83 26.78
N GLN A 127 -10.49 7.79 26.08
CA GLN A 127 -9.82 6.52 25.82
C GLN A 127 -9.31 5.86 27.09
N LEU A 128 -8.71 6.65 27.98
CA LEU A 128 -8.20 6.09 29.22
C LEU A 128 -9.35 5.44 29.95
N LYS A 129 -10.55 5.94 29.72
CA LYS A 129 -11.70 5.37 30.38
C LYS A 129 -11.97 3.94 29.92
N SER A 130 -11.22 3.47 28.93
CA SER A 130 -11.44 2.10 28.44
C SER A 130 -10.37 1.07 28.80
N GLY A 131 -9.18 1.50 29.21
CA GLY A 131 -8.16 0.54 29.58
C GLY A 131 -6.90 0.63 28.74
N THR A 132 -6.92 1.47 27.71
CA THR A 132 -5.76 1.64 26.87
C THR A 132 -5.38 3.09 26.72
N ALA A 133 -4.13 3.30 26.35
CA ALA A 133 -3.61 4.65 26.14
C ALA A 133 -2.80 4.66 24.86
N SER A 134 -3.11 5.62 24.01
CA SER A 134 -2.40 5.79 22.76
C SER A 134 -1.82 7.19 22.79
N VAL A 135 -0.52 7.29 22.60
CA VAL A 135 0.13 8.58 22.57
C VAL A 135 0.51 8.76 21.11
N VAL A 136 0.13 9.90 20.55
CA VAL A 136 0.39 10.15 19.14
C VAL A 136 1.37 11.29 18.86
N CYS A 137 2.28 11.04 17.93
CA CYS A 137 3.25 12.04 17.52
C CYS A 137 3.05 12.29 16.04
N LEU A 138 2.88 13.56 15.69
CA LEU A 138 2.65 13.96 14.31
C LEU A 138 3.82 14.72 13.69
N LEU A 139 4.20 14.32 12.48
CA LEU A 139 5.25 14.98 11.73
C LEU A 139 4.53 15.52 10.50
N ASN A 140 4.29 16.83 10.50
CA ASN A 140 3.54 17.47 9.44
C ASN A 140 4.32 18.14 8.30
N ASN A 141 3.95 17.76 7.06
CA ASN A 141 4.55 18.30 5.84
C ASN A 141 6.07 18.45 5.78
N PHE A 142 6.77 17.34 5.58
CA PHE A 142 8.22 17.38 5.51
C PHE A 142 8.78 16.72 4.26
N TYR A 143 10.03 17.05 3.95
CA TYR A 143 10.75 16.49 2.81
C TYR A 143 12.24 16.69 3.10
N PRO A 144 13.08 15.68 2.79
CA PRO A 144 12.66 14.40 2.21
C PRO A 144 11.91 13.48 3.14
N ARG A 145 11.63 12.30 2.63
CA ARG A 145 10.90 11.24 3.30
C ARG A 145 11.59 10.66 4.54
N GLU A 146 12.92 10.57 4.51
CA GLU A 146 13.66 10.02 5.64
C GLU A 146 13.45 10.85 6.91
N ALA A 147 12.99 10.18 7.96
CA ALA A 147 12.74 10.83 9.24
C ALA A 147 12.89 9.83 10.36
N LYS A 148 13.37 10.30 11.51
CA LYS A 148 13.58 9.44 12.66
C LYS A 148 12.70 9.86 13.83
N VAL A 149 11.91 8.90 14.31
CA VAL A 149 11.02 9.15 15.43
C VAL A 149 11.40 8.27 16.61
N GLN A 150 11.75 8.89 17.73
CA GLN A 150 12.14 8.17 18.92
C GLN A 150 11.24 8.45 20.11
N TRP A 151 10.66 7.39 20.67
CA TRP A 151 9.78 7.51 21.82
C TRP A 151 10.51 7.27 23.13
N LYS A 152 10.23 8.11 24.11
CA LYS A 152 10.83 7.98 25.43
C LYS A 152 9.80 8.19 26.52
N VAL A 153 9.86 7.32 27.53
CA VAL A 153 8.96 7.41 28.67
C VAL A 153 9.87 7.50 29.89
N ASP A 154 9.81 8.62 30.58
CA ASP A 154 10.67 8.86 31.74
C ASP A 154 12.08 8.46 31.37
N ASN A 155 12.46 8.90 30.17
CA ASN A 155 13.77 8.68 29.57
C ASN A 155 14.15 7.25 29.19
N ALA A 156 13.18 6.36 29.13
CA ALA A 156 13.46 5.00 28.72
C ALA A 156 13.06 4.94 27.25
N LEU A 157 14.02 4.60 26.40
CA LEU A 157 13.77 4.50 24.98
C LEU A 157 12.75 3.39 24.73
N GLN A 158 11.67 3.72 24.02
CA GLN A 158 10.62 2.74 23.73
C GLN A 158 10.87 2.04 22.41
N SER A 159 10.88 0.71 22.44
CA SER A 159 11.12 -0.07 21.23
C SER A 159 10.17 -1.26 21.09
N GLY A 160 9.47 -1.30 19.96
CA GLY A 160 8.55 -2.41 19.72
C GLY A 160 7.10 -2.19 20.10
N ASN A 161 6.80 -1.03 20.67
CA ASN A 161 5.43 -0.74 21.06
C ASN A 161 4.84 0.46 20.33
N SER A 162 5.35 0.73 19.14
CA SER A 162 4.86 1.84 18.35
C SER A 162 4.71 1.42 16.90
N GLN A 163 3.80 2.08 16.20
CA GLN A 163 3.54 1.81 14.80
C GLN A 163 3.39 3.16 14.14
N GLU A 164 3.84 3.27 12.90
CA GLU A 164 3.70 4.54 12.22
C GLU A 164 3.08 4.38 10.86
N SER A 165 2.58 5.50 10.35
CA SER A 165 1.91 5.55 9.07
C SER A 165 2.35 6.83 8.37
N VAL A 166 2.52 6.76 7.05
CA VAL A 166 2.93 7.92 6.28
C VAL A 166 1.96 8.14 5.13
N THR A 167 1.63 9.41 4.87
CA THR A 167 0.73 9.75 3.79
C THR A 167 1.47 9.65 2.47
N GLU A 168 0.74 9.73 1.37
CA GLU A 168 1.34 9.70 0.06
C GLU A 168 1.87 11.11 -0.16
N GLN A 169 2.85 11.26 -1.03
CA GLN A 169 3.41 12.58 -1.32
C GLN A 169 2.26 13.52 -1.67
N ASP A 170 2.16 14.65 -0.97
CA ASP A 170 1.08 15.61 -1.19
C ASP A 170 0.97 16.17 -2.60
N SER A 171 -0.24 16.12 -3.15
CA SER A 171 -0.51 16.58 -4.51
C SER A 171 -0.07 18.01 -4.85
N LYS A 172 -0.11 18.92 -3.88
CA LYS A 172 0.29 20.29 -4.21
C LYS A 172 1.66 20.73 -3.70
N ASP A 173 2.10 20.27 -2.53
CA ASP A 173 3.41 20.68 -2.05
C ASP A 173 4.47 19.58 -2.04
N SER A 174 4.09 18.39 -2.51
CA SER A 174 5.01 17.26 -2.59
C SER A 174 5.68 16.86 -1.27
N THR A 175 5.03 17.14 -0.14
CA THR A 175 5.61 16.76 1.14
C THR A 175 5.00 15.47 1.64
N TYR A 176 5.55 14.98 2.76
CA TYR A 176 5.07 13.77 3.39
C TYR A 176 4.66 14.16 4.80
N SER A 177 3.77 13.37 5.39
CA SER A 177 3.33 13.60 6.75
C SER A 177 3.34 12.23 7.40
N LEU A 178 3.70 12.19 8.66
CA LEU A 178 3.77 10.92 9.36
C LEU A 178 3.14 10.93 10.74
N SER A 179 2.63 9.76 11.12
CA SER A 179 1.97 9.57 12.39
C SER A 179 2.67 8.43 13.12
N SER A 180 2.99 8.62 14.39
CA SER A 180 3.60 7.56 15.17
C SER A 180 2.76 7.39 16.43
N THR A 181 2.26 6.18 16.63
CA THR A 181 1.43 5.90 17.79
C THR A 181 2.08 4.92 18.75
N LEU A 182 2.25 5.37 19.99
CA LEU A 182 2.83 4.55 21.04
C LEU A 182 1.69 3.95 21.84
N THR A 183 1.70 2.62 21.97
CA THR A 183 0.65 1.94 22.72
C THR A 183 1.17 1.41 24.05
N LEU A 184 0.47 1.78 25.12
CA LEU A 184 0.82 1.35 26.46
C LEU A 184 -0.48 0.97 27.15
N SER A 185 -0.40 0.03 28.08
CA SER A 185 -1.59 -0.35 28.82
C SER A 185 -1.87 0.88 29.66
N LYS A 186 -3.11 1.02 30.12
CA LYS A 186 -3.44 2.17 30.93
C LYS A 186 -2.67 2.15 32.25
N ALA A 187 -2.46 0.95 32.80
CA ALA A 187 -1.73 0.82 34.06
C ALA A 187 -0.32 1.37 33.92
N ASP A 188 0.36 0.99 32.84
CA ASP A 188 1.72 1.47 32.62
C ASP A 188 1.75 2.96 32.36
N TYR A 189 0.78 3.45 31.59
CA TYR A 189 0.72 4.87 31.28
C TYR A 189 0.72 5.71 32.55
N GLU A 190 -0.04 5.27 33.55
CA GLU A 190 -0.16 5.99 34.81
C GLU A 190 1.03 5.84 35.75
N LYS A 191 1.97 4.98 35.38
CA LYS A 191 3.14 4.77 36.22
C LYS A 191 4.30 5.66 35.83
N HIS A 192 4.12 6.42 34.75
CA HIS A 192 5.18 7.30 34.30
C HIS A 192 4.73 8.72 34.10
N LYS A 193 5.69 9.65 34.13
CA LYS A 193 5.39 11.06 34.00
C LYS A 193 5.70 11.71 32.66
N VAL A 194 6.98 11.67 32.26
CA VAL A 194 7.40 12.31 31.03
C VAL A 194 7.29 11.48 29.75
N TYR A 195 6.49 11.99 28.82
CA TYR A 195 6.28 11.34 27.53
C TYR A 195 6.86 12.26 26.46
N ALA A 196 7.84 11.75 25.73
CA ALA A 196 8.51 12.55 24.72
C ALA A 196 8.69 11.88 23.36
N CYS A 197 8.55 12.69 22.31
CA CYS A 197 8.72 12.25 20.94
C CYS A 197 9.83 13.08 20.34
N GLU A 198 10.96 12.45 20.03
CA GLU A 198 12.08 13.16 19.44
C GLU A 198 12.19 12.89 17.95
N VAL A 199 12.20 13.97 17.16
CA VAL A 199 12.27 13.85 15.71
C VAL A 199 13.58 14.34 15.11
N THR A 200 14.17 13.51 14.26
CA THR A 200 15.40 13.84 13.58
C THR A 200 15.07 13.87 12.10
N HIS A 201 15.41 14.96 11.43
CA HIS A 201 15.14 15.14 10.01
C HIS A 201 16.16 16.11 9.43
N GLN A 202 16.52 15.91 8.17
CA GLN A 202 17.49 16.77 7.50
C GLN A 202 17.17 18.26 7.63
N GLY A 203 15.88 18.59 7.57
CA GLY A 203 15.47 19.98 7.67
C GLY A 203 15.58 20.56 9.06
N LEU A 204 15.76 19.71 10.06
CA LEU A 204 15.89 20.15 11.44
C LEU A 204 17.37 20.18 11.81
N ARG A 205 17.91 21.38 12.00
CA ARG A 205 19.32 21.50 12.35
C ARG A 205 19.66 20.88 13.71
N SER A 206 18.63 20.66 14.52
CA SER A 206 18.76 20.03 15.82
C SER A 206 17.52 19.17 15.95
N PRO A 207 17.64 17.96 16.51
CA PRO A 207 16.45 17.14 16.63
C PRO A 207 15.42 17.92 17.46
N VAL A 208 14.14 17.71 17.17
CA VAL A 208 13.09 18.41 17.90
C VAL A 208 12.35 17.46 18.83
N THR A 209 12.21 17.86 20.09
CA THR A 209 11.51 17.04 21.05
C THR A 209 10.24 17.72 21.53
N LYS A 210 9.13 17.02 21.40
CA LYS A 210 7.84 17.52 21.85
C LYS A 210 7.48 16.56 22.97
N SER A 211 7.16 17.09 24.14
CA SER A 211 6.82 16.24 25.26
C SER A 211 5.77 16.84 26.17
N PHE A 212 5.29 16.00 27.10
CA PHE A 212 4.30 16.44 28.07
C PHE A 212 4.46 15.60 29.33
N ASN A 213 3.98 16.13 30.44
CA ASN A 213 4.02 15.42 31.71
C ASN A 213 2.60 14.99 32.00
N ARG A 214 2.39 13.69 32.17
CA ARG A 214 1.05 13.19 32.45
C ARG A 214 0.42 13.90 33.64
N LEU B 1 -10.95 -2.06 -24.82
CA LEU B 1 -11.54 -3.21 -25.56
C LEU B 1 -11.47 -4.47 -24.72
N ILE B 2 -10.25 -4.90 -24.37
CA ILE B 2 -10.09 -6.08 -23.53
C ILE B 2 -10.38 -5.63 -22.12
N ASN B 3 -11.01 -6.51 -21.35
CA ASN B 3 -11.36 -6.17 -19.98
C ASN B 3 -11.39 -7.40 -19.09
N LEU B 4 -10.91 -7.24 -17.87
CA LEU B 4 -10.90 -8.31 -16.88
C LEU B 4 -11.52 -7.75 -15.61
N VAL B 5 -12.57 -8.38 -15.13
CA VAL B 5 -13.26 -7.93 -13.92
C VAL B 5 -13.36 -9.04 -12.90
N GLU B 6 -12.81 -8.80 -11.71
CA GLU B 6 -12.81 -9.79 -10.65
C GLU B 6 -13.89 -9.59 -9.61
N SER B 7 -14.14 -10.65 -8.85
CA SER B 7 -15.13 -10.65 -7.79
C SER B 7 -14.88 -11.87 -6.91
N GLY B 8 -15.55 -11.94 -5.77
CA GLY B 8 -15.37 -13.07 -4.88
C GLY B 8 -14.50 -12.82 -3.67
N GLY B 9 -13.76 -11.71 -3.69
CA GLY B 9 -12.90 -11.39 -2.56
C GLY B 9 -13.74 -11.09 -1.34
N GLY B 10 -13.15 -11.24 -0.16
CA GLY B 10 -13.89 -10.95 1.05
C GLY B 10 -13.11 -11.30 2.30
N VAL B 11 -13.75 -11.12 3.45
CA VAL B 11 -13.12 -11.43 4.72
C VAL B 11 -13.48 -12.84 5.15
N VAL B 12 -12.50 -13.63 5.55
CA VAL B 12 -12.80 -14.97 6.04
C VAL B 12 -11.83 -15.45 7.09
N GLN B 13 -12.33 -16.35 7.91
CA GLN B 13 -11.56 -16.92 8.98
C GLN B 13 -10.58 -17.97 8.52
N PRO B 14 -9.46 -18.08 9.24
CA PRO B 14 -8.42 -19.05 8.91
C PRO B 14 -9.02 -20.44 8.76
N GLY B 15 -8.50 -21.21 7.81
CA GLY B 15 -8.99 -22.55 7.59
C GLY B 15 -10.18 -22.63 6.65
N ARG B 16 -10.83 -21.50 6.38
CA ARG B 16 -12.00 -21.51 5.50
C ARG B 16 -11.68 -21.28 4.03
N SER B 17 -12.74 -21.27 3.21
CA SER B 17 -12.60 -21.11 1.76
C SER B 17 -13.18 -19.84 1.15
N LEU B 18 -12.75 -19.60 -0.10
CA LEU B 18 -13.21 -18.48 -0.91
C LEU B 18 -12.99 -18.88 -2.35
N ARG B 19 -13.84 -18.40 -3.23
CA ARG B 19 -13.69 -18.68 -4.64
C ARG B 19 -13.75 -17.35 -5.35
N LEU B 20 -12.70 -17.09 -6.08
CA LEU B 20 -12.51 -15.86 -6.80
C LEU B 20 -12.83 -16.03 -8.29
N SER B 21 -13.37 -14.97 -8.91
CA SER B 21 -13.69 -15.04 -10.33
C SER B 21 -13.11 -13.86 -11.09
N CYS B 22 -12.82 -14.09 -12.37
CA CYS B 22 -12.27 -13.06 -13.24
C CYS B 22 -12.89 -13.23 -14.61
N ALA B 23 -13.90 -12.41 -14.89
CA ALA B 23 -14.62 -12.46 -16.16
C ALA B 23 -13.92 -11.65 -17.23
N ALA B 24 -13.63 -12.30 -18.35
CA ALA B 24 -12.93 -11.66 -19.47
C ALA B 24 -13.87 -11.31 -20.62
N SER B 25 -13.49 -10.30 -21.38
CA SER B 25 -14.27 -9.85 -22.52
C SER B 25 -13.38 -9.03 -23.45
N GLY B 26 -13.76 -8.97 -24.73
CA GLY B 26 -12.98 -8.20 -25.68
C GLY B 26 -11.86 -8.95 -26.37
N PHE B 27 -11.76 -10.25 -26.14
CA PHE B 27 -10.73 -11.05 -26.79
C PHE B 27 -11.11 -12.52 -26.71
N THR B 28 -10.53 -13.35 -27.56
CA THR B 28 -10.84 -14.76 -27.55
C THR B 28 -10.12 -15.43 -26.37
N PHE B 29 -10.80 -15.40 -25.24
CA PHE B 29 -10.33 -15.95 -23.96
C PHE B 29 -9.64 -17.30 -24.05
N SER B 30 -10.26 -18.23 -24.76
CA SER B 30 -9.74 -19.59 -24.91
C SER B 30 -8.35 -19.73 -25.53
N ARG B 31 -7.86 -18.67 -26.15
CA ARG B 31 -6.54 -18.72 -26.78
C ARG B 31 -5.42 -18.23 -25.89
N TYR B 32 -5.75 -17.77 -24.69
CA TYR B 32 -4.75 -17.25 -23.79
C TYR B 32 -4.54 -17.91 -22.45
N GLY B 33 -3.27 -18.02 -22.05
CA GLY B 33 -2.96 -18.59 -20.77
C GLY B 33 -3.37 -17.51 -19.78
N MET B 34 -3.94 -17.90 -18.64
CA MET B 34 -4.37 -16.92 -17.66
C MET B 34 -3.74 -17.15 -16.29
N HIS B 35 -3.38 -16.07 -15.60
CA HIS B 35 -2.72 -16.16 -14.30
C HIS B 35 -3.37 -15.39 -13.16
N TRP B 36 -2.93 -15.73 -11.95
CA TRP B 36 -3.37 -15.06 -10.74
C TRP B 36 -2.08 -14.55 -10.11
N VAL B 37 -2.08 -13.29 -9.71
CA VAL B 37 -0.92 -12.66 -9.10
C VAL B 37 -1.45 -11.90 -7.89
N ARG B 38 -0.74 -11.96 -6.77
CA ARG B 38 -1.21 -11.27 -5.59
C ARG B 38 -0.25 -10.19 -5.13
N GLN B 39 -0.73 -9.37 -4.21
CA GLN B 39 0.06 -8.30 -3.64
C GLN B 39 -0.41 -8.09 -2.21
N ALA B 40 0.40 -8.55 -1.27
CA ALA B 40 0.08 -8.42 0.14
C ALA B 40 0.22 -6.95 0.52
N PRO B 41 -0.46 -6.52 1.59
CA PRO B 41 -0.40 -5.12 2.03
C PRO B 41 1.04 -4.62 2.17
N GLY B 42 1.37 -3.57 1.43
CA GLY B 42 2.70 -3.00 1.50
C GLY B 42 3.81 -3.75 0.79
N LYS B 43 3.48 -4.86 0.14
CA LYS B 43 4.49 -5.65 -0.57
C LYS B 43 4.43 -5.50 -2.08
N GLY B 44 5.33 -6.21 -2.77
CA GLY B 44 5.38 -6.16 -4.21
C GLY B 44 4.50 -7.22 -4.83
N LEU B 45 4.55 -7.33 -6.16
CA LEU B 45 3.75 -8.32 -6.87
C LEU B 45 4.33 -9.71 -6.68
N GLU B 46 3.44 -10.69 -6.57
CA GLU B 46 3.84 -12.07 -6.35
C GLU B 46 3.00 -13.04 -7.17
N TRP B 47 3.64 -13.79 -8.05
CA TRP B 47 2.94 -14.74 -8.90
C TRP B 47 2.30 -15.85 -8.07
N VAL B 48 1.09 -16.26 -8.45
CA VAL B 48 0.38 -17.29 -7.71
C VAL B 48 0.11 -18.58 -8.48
N ALA B 49 -0.44 -18.47 -9.68
CA ALA B 49 -0.74 -19.66 -10.47
C ALA B 49 -1.08 -19.34 -11.91
N VAL B 50 -1.13 -20.38 -12.73
CA VAL B 50 -1.46 -20.23 -14.14
C VAL B 50 -2.21 -21.46 -14.65
N VAL B 51 -3.07 -21.22 -15.62
CA VAL B 51 -3.82 -22.29 -16.25
C VAL B 51 -3.71 -22.06 -17.74
N SER B 52 -3.31 -23.11 -18.46
CA SER B 52 -3.15 -23.02 -19.90
C SER B 52 -4.44 -22.63 -20.59
N SER B 53 -4.31 -22.12 -21.81
CA SER B 53 -5.46 -21.69 -22.59
C SER B 53 -6.52 -22.78 -22.70
N ASP B 54 -6.08 -24.02 -22.91
CA ASP B 54 -7.00 -25.14 -23.04
C ASP B 54 -7.38 -25.74 -21.68
N GLY B 55 -6.89 -25.13 -20.62
CA GLY B 55 -7.20 -25.58 -19.26
C GLY B 55 -6.64 -26.91 -18.82
N ARG B 56 -5.85 -27.57 -19.67
CA ARG B 56 -5.29 -28.88 -19.35
C ARG B 56 -4.02 -28.81 -18.50
N THR B 57 -3.37 -27.65 -18.49
CA THR B 57 -2.14 -27.48 -17.73
C THR B 57 -2.26 -26.41 -16.65
N THR B 58 -1.83 -26.73 -15.44
CA THR B 58 -1.87 -25.78 -14.33
C THR B 58 -0.57 -25.86 -13.55
N TYR B 59 -0.20 -24.76 -12.91
CA TYR B 59 1.02 -24.69 -12.13
C TYR B 59 0.80 -23.69 -11.00
N TYR B 60 1.40 -23.96 -9.84
CA TYR B 60 1.22 -23.12 -8.68
C TYR B 60 2.50 -22.70 -7.96
N ALA B 61 2.38 -21.63 -7.18
CA ALA B 61 3.50 -21.18 -6.37
C ALA B 61 3.52 -22.25 -5.28
N ASP B 62 4.70 -22.61 -4.79
CA ASP B 62 4.81 -23.64 -3.77
C ASP B 62 4.00 -23.31 -2.51
N SER B 63 3.87 -22.03 -2.20
CA SER B 63 3.14 -21.61 -1.01
C SER B 63 1.65 -21.89 -1.06
N VAL B 64 1.09 -22.10 -2.25
CA VAL B 64 -0.35 -22.36 -2.37
C VAL B 64 -0.69 -23.76 -2.86
N LYS B 65 0.32 -24.51 -3.29
CA LYS B 65 0.13 -25.86 -3.79
C LYS B 65 -0.61 -26.74 -2.79
N GLY B 66 -1.65 -27.43 -3.27
CA GLY B 66 -2.42 -28.31 -2.40
C GLY B 66 -3.58 -27.62 -1.70
N ARG B 67 -3.59 -26.30 -1.74
CA ARG B 67 -4.66 -25.54 -1.10
C ARG B 67 -5.51 -24.81 -2.12
N PHE B 68 -4.86 -24.23 -3.13
CA PHE B 68 -5.54 -23.49 -4.18
C PHE B 68 -5.64 -24.28 -5.47
N THR B 69 -6.73 -24.06 -6.19
CA THR B 69 -6.97 -24.73 -7.46
C THR B 69 -7.41 -23.70 -8.49
N ILE B 70 -6.65 -23.60 -9.58
CA ILE B 70 -7.00 -22.66 -10.63
C ILE B 70 -7.72 -23.42 -11.73
N SER B 71 -8.73 -22.77 -12.31
CA SER B 71 -9.50 -23.39 -13.39
C SER B 71 -10.08 -22.30 -14.26
N ARG B 72 -10.71 -22.70 -15.35
CA ARG B 72 -11.32 -21.74 -16.27
C ARG B 72 -12.51 -22.33 -16.99
N ASP B 73 -13.36 -21.44 -17.50
CA ASP B 73 -14.54 -21.81 -18.24
C ASP B 73 -14.41 -21.07 -19.56
N ASN B 74 -14.11 -21.79 -20.64
CA ASN B 74 -13.93 -21.14 -21.94
C ASN B 74 -15.23 -20.86 -22.68
N SER B 75 -16.37 -21.07 -22.01
CA SER B 75 -17.65 -20.78 -22.62
C SER B 75 -18.10 -19.44 -22.05
N LYS B 76 -18.02 -19.34 -20.73
CA LYS B 76 -18.40 -18.12 -20.03
C LYS B 76 -17.18 -17.19 -19.94
N ASN B 77 -16.07 -17.64 -20.51
CA ASN B 77 -14.83 -16.87 -20.52
C ASN B 77 -14.53 -16.30 -19.14
N THR B 78 -14.36 -17.21 -18.19
CA THR B 78 -14.09 -16.83 -16.82
C THR B 78 -12.94 -17.65 -16.23
N LEU B 79 -12.12 -16.98 -15.43
CA LEU B 79 -10.99 -17.60 -14.76
C LEU B 79 -11.36 -17.73 -13.29
N TYR B 80 -11.03 -18.86 -12.67
CA TYR B 80 -11.35 -19.05 -11.26
C TYR B 80 -10.16 -19.45 -10.41
N LEU B 81 -10.30 -19.20 -9.11
CA LEU B 81 -9.29 -19.56 -8.14
C LEU B 81 -10.05 -20.00 -6.89
N GLN B 82 -10.07 -21.30 -6.65
CA GLN B 82 -10.72 -21.86 -5.47
C GLN B 82 -9.63 -21.89 -4.41
N MET B 83 -9.86 -21.17 -3.32
CA MET B 83 -8.88 -21.11 -2.25
C MET B 83 -9.33 -21.82 -0.98
N ASN B 84 -8.68 -22.93 -0.66
CA ASN B 84 -9.02 -23.69 0.53
C ASN B 84 -7.94 -23.55 1.61
N SER B 85 -8.31 -23.88 2.84
CA SER B 85 -7.41 -23.81 3.99
C SER B 85 -6.63 -22.49 4.02
N LEU B 86 -7.35 -21.39 3.94
CA LEU B 86 -6.74 -20.06 3.95
C LEU B 86 -6.05 -19.72 5.26
N ARG B 87 -4.91 -19.04 5.17
CA ARG B 87 -4.16 -18.62 6.35
C ARG B 87 -4.09 -17.10 6.35
N ALA B 88 -3.69 -16.56 7.50
CA ALA B 88 -3.57 -15.12 7.65
C ALA B 88 -2.60 -14.54 6.63
N GLU B 89 -1.53 -15.25 6.34
CA GLU B 89 -0.54 -14.74 5.40
C GLU B 89 -0.97 -14.75 3.93
N ASP B 90 -2.15 -15.29 3.63
CA ASP B 90 -2.64 -15.30 2.25
C ASP B 90 -3.25 -13.94 1.95
N THR B 91 -3.54 -13.20 3.02
CA THR B 91 -4.14 -11.88 2.90
C THR B 91 -3.42 -11.03 1.88
N ALA B 92 -4.17 -10.58 0.86
CA ALA B 92 -3.59 -9.76 -0.20
C ALA B 92 -4.62 -9.47 -1.27
N VAL B 93 -4.30 -8.51 -2.13
CA VAL B 93 -5.16 -8.16 -3.23
C VAL B 93 -4.79 -9.16 -4.32
N PHE B 94 -5.78 -9.88 -4.84
CA PHE B 94 -5.53 -10.86 -5.89
C PHE B 94 -5.92 -10.34 -7.26
N TYR B 95 -4.98 -10.43 -8.21
CA TYR B 95 -5.19 -9.96 -9.58
C TYR B 95 -5.16 -11.10 -10.57
N CYS B 96 -6.00 -11.04 -11.59
CA CYS B 96 -5.92 -12.04 -12.63
C CYS B 96 -5.18 -11.30 -13.71
N ALA B 97 -4.40 -12.03 -14.50
CA ALA B 97 -3.63 -11.39 -15.55
C ALA B 97 -3.62 -12.24 -16.81
N LYS B 98 -3.68 -11.56 -17.95
CA LYS B 98 -3.69 -12.21 -19.25
C LYS B 98 -2.31 -12.22 -19.90
N GLU B 99 -1.94 -13.36 -20.48
CA GLU B 99 -0.67 -13.45 -21.17
C GLU B 99 -0.78 -12.55 -22.39
N GLY B 100 0.24 -11.72 -22.61
CA GLY B 100 0.24 -10.79 -23.73
C GLY B 100 0.07 -11.36 -25.12
N GLY B 101 -0.55 -10.58 -25.99
CA GLY B 101 -0.76 -11.00 -27.36
C GLY B 101 0.53 -10.89 -28.14
N ASP B 102 1.17 -9.72 -28.06
CA ASP B 102 2.43 -9.49 -28.76
C ASP B 102 3.55 -10.30 -28.12
N ASN B 103 3.48 -10.47 -26.80
CA ASN B 103 4.51 -11.20 -26.05
C ASN B 103 3.87 -11.93 -24.87
N LYS B 104 3.83 -13.26 -24.94
CA LYS B 104 3.21 -14.06 -23.88
C LYS B 104 3.96 -14.14 -22.55
N PHE B 105 5.17 -13.61 -22.50
CA PHE B 105 5.92 -13.65 -21.25
C PHE B 105 5.71 -12.36 -20.47
N SER B 106 4.72 -11.59 -20.94
CA SER B 106 4.34 -10.34 -20.31
C SER B 106 2.85 -10.44 -20.03
N PHE B 107 2.32 -9.52 -19.23
CA PHE B 107 0.90 -9.52 -18.91
C PHE B 107 0.33 -8.21 -19.46
N ASP B 108 -0.36 -8.28 -20.60
CA ASP B 108 -0.91 -7.07 -21.20
C ASP B 108 -2.17 -6.51 -20.53
N TYR B 109 -2.95 -7.36 -19.89
CA TYR B 109 -4.16 -6.90 -19.20
C TYR B 109 -4.28 -7.52 -17.83
N TRP B 110 -4.74 -6.71 -16.89
CA TRP B 110 -4.91 -7.12 -15.51
C TRP B 110 -6.32 -6.81 -15.01
N GLY B 111 -6.82 -7.63 -14.11
CA GLY B 111 -8.14 -7.38 -13.54
C GLY B 111 -7.91 -6.26 -12.55
N GLN B 112 -8.98 -5.69 -11.99
CA GLN B 112 -8.81 -4.58 -11.07
C GLN B 112 -8.33 -5.00 -9.67
N GLY B 113 -8.39 -6.30 -9.40
CA GLY B 113 -7.96 -6.81 -8.11
C GLY B 113 -9.10 -6.98 -7.13
N THR B 114 -9.04 -8.04 -6.33
CA THR B 114 -10.07 -8.30 -5.34
C THR B 114 -9.35 -8.66 -4.05
N LEU B 115 -9.76 -8.02 -2.95
CA LEU B 115 -9.13 -8.24 -1.64
C LEU B 115 -9.50 -9.52 -0.96
N VAL B 116 -8.50 -10.25 -0.49
CA VAL B 116 -8.75 -11.46 0.27
C VAL B 116 -8.19 -11.18 1.65
N THR B 117 -9.06 -11.08 2.64
CA THR B 117 -8.64 -10.83 4.01
C THR B 117 -8.93 -12.06 4.86
N VAL B 118 -7.87 -12.67 5.36
CA VAL B 118 -7.99 -13.86 6.18
C VAL B 118 -7.67 -13.48 7.62
N SER B 119 -8.71 -13.36 8.44
CA SER B 119 -8.54 -12.97 9.83
C SER B 119 -9.66 -13.50 10.71
N SER B 120 -9.36 -13.67 12.00
CA SER B 120 -10.36 -14.15 12.94
C SER B 120 -10.95 -12.96 13.67
N ALA B 121 -10.59 -11.75 13.23
CA ALA B 121 -11.09 -10.51 13.83
C ALA B 121 -12.59 -10.38 13.58
N SER B 122 -13.27 -9.73 14.52
CA SER B 122 -14.71 -9.54 14.41
C SER B 122 -15.05 -8.20 13.78
N THR B 123 -16.16 -8.16 13.05
CA THR B 123 -16.60 -6.93 12.43
C THR B 123 -16.89 -5.99 13.59
N LYS B 124 -16.19 -4.86 13.63
CA LYS B 124 -16.37 -3.91 14.72
C LYS B 124 -16.23 -2.46 14.27
N GLY B 125 -17.14 -1.62 14.75
CA GLY B 125 -17.08 -0.21 14.42
C GLY B 125 -15.98 0.44 15.23
N PRO B 126 -15.48 1.60 14.82
CA PRO B 126 -14.40 2.27 15.56
C PRO B 126 -14.83 3.13 16.74
N SER B 127 -13.92 3.30 17.69
CA SER B 127 -14.15 4.18 18.82
C SER B 127 -13.41 5.40 18.30
N VAL B 128 -13.99 6.58 18.47
CA VAL B 128 -13.35 7.78 17.97
C VAL B 128 -12.95 8.70 19.11
N PHE B 129 -11.65 8.87 19.29
CA PHE B 129 -11.12 9.70 20.35
C PHE B 129 -10.53 11.00 19.84
N PRO B 130 -10.65 12.06 20.65
CA PRO B 130 -10.13 13.37 20.28
C PRO B 130 -8.62 13.45 20.44
N LEU B 131 -8.00 14.23 19.56
CA LEU B 131 -6.57 14.47 19.62
C LEU B 131 -6.57 15.99 19.75
N ALA B 132 -6.39 16.47 20.98
CA ALA B 132 -6.39 17.91 21.22
C ALA B 132 -4.99 18.44 21.43
N SER B 139 0.52 30.13 22.22
CA SER B 139 1.93 29.89 22.46
C SER B 139 2.66 29.46 21.19
N GLU B 140 1.88 28.98 20.22
CA GLU B 140 2.41 28.46 18.96
C GLU B 140 1.83 29.13 17.70
N SER B 141 2.63 29.18 16.63
CA SER B 141 2.18 29.79 15.37
C SER B 141 1.21 28.90 14.62
N THR B 142 1.22 27.61 14.94
CA THR B 142 0.35 26.63 14.29
C THR B 142 -0.12 25.61 15.31
N ALA B 143 -1.37 25.18 15.19
CA ALA B 143 -1.89 24.19 16.10
C ALA B 143 -2.37 22.97 15.34
N ALA B 144 -2.35 21.83 16.01
CA ALA B 144 -2.79 20.59 15.40
C ALA B 144 -3.83 19.91 16.28
N LEU B 145 -4.75 19.20 15.65
CA LEU B 145 -5.79 18.48 16.34
C LEU B 145 -6.30 17.42 15.39
N GLY B 146 -7.12 16.51 15.89
CA GLY B 146 -7.64 15.48 15.03
C GLY B 146 -8.45 14.44 15.76
N CYS B 147 -8.58 13.28 15.12
CA CYS B 147 -9.34 12.17 15.68
C CYS B 147 -8.59 10.85 15.55
N LEU B 148 -8.68 10.03 16.60
CA LEU B 148 -8.03 8.72 16.63
C LEU B 148 -9.11 7.70 16.36
N VAL B 149 -9.19 7.21 15.14
CA VAL B 149 -10.20 6.22 14.81
C VAL B 149 -9.62 4.85 15.16
N LYS B 150 -9.93 4.39 16.38
CA LYS B 150 -9.38 3.14 16.89
C LYS B 150 -10.23 1.87 16.95
N ASP B 151 -9.54 0.76 16.78
CA ASP B 151 -10.11 -0.57 16.84
C ASP B 151 -11.36 -0.88 16.02
N TYR B 152 -11.20 -0.92 14.70
CA TYR B 152 -12.31 -1.26 13.82
C TYR B 152 -11.83 -2.38 12.91
N PHE B 153 -12.77 -3.03 12.24
CA PHE B 153 -12.46 -4.11 11.32
C PHE B 153 -13.75 -4.45 10.60
N PRO B 154 -13.69 -4.64 9.28
CA PRO B 154 -12.43 -4.55 8.53
C PRO B 154 -12.32 -3.18 7.88
N GLU B 155 -11.38 -3.03 6.94
CA GLU B 155 -11.23 -1.78 6.22
C GLU B 155 -12.50 -1.71 5.37
N PRO B 156 -12.91 -0.51 4.95
CA PRO B 156 -12.26 0.78 5.23
C PRO B 156 -13.18 1.69 6.03
N VAL B 157 -12.65 2.84 6.41
CA VAL B 157 -13.42 3.86 7.11
C VAL B 157 -13.18 5.10 6.28
N THR B 158 -14.13 6.02 6.30
CA THR B 158 -13.96 7.26 5.58
C THR B 158 -13.97 8.33 6.66
N VAL B 159 -13.15 9.35 6.48
CA VAL B 159 -13.07 10.43 7.44
C VAL B 159 -13.12 11.75 6.69
N SER B 160 -13.98 12.64 7.15
CA SER B 160 -14.10 13.96 6.54
C SER B 160 -14.17 14.92 7.72
N TRP B 161 -13.90 16.19 7.46
CA TRP B 161 -13.96 17.18 8.53
C TRP B 161 -15.01 18.23 8.25
N ASN B 162 -15.85 18.49 9.23
CA ASN B 162 -16.94 19.46 9.11
C ASN B 162 -17.77 19.17 7.87
N SER B 163 -18.17 17.90 7.76
CA SER B 163 -18.99 17.42 6.66
C SER B 163 -18.42 17.65 5.27
N GLY B 164 -17.11 17.83 5.20
CA GLY B 164 -16.47 18.04 3.90
C GLY B 164 -16.09 19.47 3.59
N ALA B 165 -16.62 20.41 4.37
CA ALA B 165 -16.32 21.82 4.16
C ALA B 165 -14.87 22.12 4.49
N LEU B 166 -14.27 21.31 5.33
CA LEU B 166 -12.88 21.56 5.69
C LEU B 166 -11.95 20.49 5.11
N THR B 167 -11.04 20.95 4.25
CA THR B 167 -10.09 20.06 3.59
C THR B 167 -8.65 20.53 3.64
N SER B 168 -8.45 21.84 3.70
CA SER B 168 -7.11 22.38 3.72
C SER B 168 -6.35 22.07 5.02
N GLY B 169 -5.15 21.51 4.87
CA GLY B 169 -4.33 21.18 6.02
C GLY B 169 -4.70 19.86 6.68
N VAL B 170 -5.59 19.11 6.04
CA VAL B 170 -6.03 17.82 6.58
C VAL B 170 -5.18 16.66 6.09
N HIS B 171 -4.88 15.73 6.98
CA HIS B 171 -4.11 14.55 6.64
C HIS B 171 -4.74 13.36 7.33
N THR B 172 -5.31 12.46 6.54
CA THR B 172 -5.92 11.25 7.08
C THR B 172 -4.93 10.15 6.74
N PHE B 173 -4.31 9.59 7.78
CA PHE B 173 -3.30 8.55 7.62
C PHE B 173 -3.78 7.16 7.28
N PRO B 174 -2.95 6.40 6.55
CA PRO B 174 -3.30 5.03 6.17
C PRO B 174 -3.49 4.25 7.46
N ALA B 175 -4.46 3.33 7.47
CA ALA B 175 -4.74 2.53 8.65
C ALA B 175 -3.68 1.46 8.85
N VAL B 176 -3.37 1.17 10.11
CA VAL B 176 -2.37 0.16 10.44
C VAL B 176 -2.99 -0.99 11.24
N LEU B 177 -2.62 -2.22 10.90
CA LEU B 177 -3.13 -3.40 11.58
C LEU B 177 -2.43 -3.62 12.91
N GLN B 178 -3.15 -3.38 14.01
CA GLN B 178 -2.60 -3.56 15.34
C GLN B 178 -2.45 -5.05 15.59
N SER B 179 -1.67 -5.41 16.60
CA SER B 179 -1.45 -6.81 16.91
C SER B 179 -2.75 -7.52 17.33
N SER B 180 -3.74 -6.73 17.73
CA SER B 180 -5.03 -7.27 18.15
C SER B 180 -5.80 -7.77 16.92
N GLY B 181 -5.35 -7.37 15.75
CA GLY B 181 -6.01 -7.77 14.53
C GLY B 181 -7.00 -6.72 14.07
N LEU B 182 -7.08 -5.62 14.82
CA LEU B 182 -7.98 -4.52 14.49
C LEU B 182 -7.18 -3.34 13.95
N TYR B 183 -7.82 -2.53 13.11
CA TYR B 183 -7.17 -1.38 12.52
C TYR B 183 -7.35 -0.12 13.36
N SER B 184 -6.47 0.84 13.13
CA SER B 184 -6.50 2.10 13.83
C SER B 184 -5.84 3.14 12.95
N LEU B 185 -6.41 4.33 12.91
CA LEU B 185 -5.82 5.38 12.10
C LEU B 185 -6.12 6.72 12.72
N SER B 186 -5.35 7.72 12.30
CA SER B 186 -5.52 9.07 12.80
C SER B 186 -5.79 10.00 11.65
N SER B 187 -6.57 11.03 11.91
CA SER B 187 -6.87 12.04 10.92
C SER B 187 -6.61 13.33 11.65
N VAL B 188 -5.75 14.16 11.09
CA VAL B 188 -5.41 15.41 11.72
C VAL B 188 -5.58 16.61 10.81
N VAL B 189 -5.55 17.79 11.42
CA VAL B 189 -5.68 19.04 10.69
C VAL B 189 -4.87 20.09 11.46
N THR B 190 -4.08 20.86 10.73
CA THR B 190 -3.30 21.90 11.37
C THR B 190 -3.96 23.24 11.09
N VAL B 191 -3.89 24.15 12.04
CA VAL B 191 -4.50 25.45 11.83
C VAL B 191 -3.61 26.59 12.32
N PRO B 192 -3.58 27.68 11.55
CA PRO B 192 -2.77 28.86 11.89
C PRO B 192 -3.62 29.87 12.66
N GLN B 199 -13.81 28.83 15.15
CA GLN B 199 -14.30 27.70 14.36
C GLN B 199 -14.37 26.41 15.19
N THR B 200 -15.33 25.57 14.82
CA THR B 200 -15.55 24.29 15.48
C THR B 200 -15.00 23.17 14.59
N TYR B 201 -14.44 22.12 15.20
CA TYR B 201 -13.88 21.02 14.42
C TYR B 201 -14.53 19.68 14.72
N THR B 202 -15.14 19.11 13.69
CA THR B 202 -15.86 17.85 13.80
C THR B 202 -15.37 16.85 12.74
N CYS B 203 -14.94 15.66 13.18
CA CYS B 203 -14.51 14.65 12.22
C CYS B 203 -15.68 13.71 12.00
N ASN B 204 -16.00 13.46 10.74
CA ASN B 204 -17.10 12.58 10.38
C ASN B 204 -16.52 11.22 9.99
N VAL B 205 -16.80 10.23 10.82
CA VAL B 205 -16.29 8.88 10.61
C VAL B 205 -17.38 7.90 10.19
N ASP B 206 -17.14 7.21 9.08
CA ASP B 206 -18.10 6.24 8.58
C ASP B 206 -17.47 4.88 8.31
N HIS B 207 -18.03 3.84 8.91
CA HIS B 207 -17.55 2.48 8.76
C HIS B 207 -18.73 1.63 8.32
N LYS B 208 -18.85 1.38 7.02
CA LYS B 208 -19.96 0.59 6.48
C LYS B 208 -20.11 -0.80 7.05
N PRO B 209 -19.02 -1.60 7.04
CA PRO B 209 -19.11 -2.95 7.57
C PRO B 209 -19.94 -3.11 8.85
N SER B 210 -19.88 -2.12 9.73
CA SER B 210 -20.63 -2.19 10.99
C SER B 210 -21.77 -1.18 11.03
N ASN B 211 -21.98 -0.51 9.90
CA ASN B 211 -22.99 0.55 9.77
C ASN B 211 -22.86 1.46 10.97
N THR B 212 -21.63 1.88 11.21
CA THR B 212 -21.30 2.76 12.31
C THR B 212 -21.03 4.15 11.77
N LYS B 213 -21.62 5.12 12.46
CA LYS B 213 -21.51 6.51 12.08
C LYS B 213 -21.25 7.39 13.27
N VAL B 214 -20.20 8.20 13.18
CA VAL B 214 -19.88 9.08 14.28
C VAL B 214 -19.35 10.43 13.86
N ASP B 215 -19.92 11.47 14.47
CA ASP B 215 -19.48 12.83 14.23
C ASP B 215 -18.87 13.25 15.56
N LYS B 216 -17.54 13.35 15.58
CA LYS B 216 -16.85 13.72 16.81
C LYS B 216 -16.35 15.15 16.75
N THR B 217 -16.87 15.99 17.63
CA THR B 217 -16.44 17.37 17.69
C THR B 217 -15.24 17.38 18.64
N VAL B 218 -14.13 17.92 18.16
CA VAL B 218 -12.90 17.95 18.94
C VAL B 218 -12.63 19.27 19.66
#